data_4LW1
#
_entry.id   4LW1
#
_cell.length_a   38.166
_cell.length_b   53.527
_cell.length_c   54.117
_cell.angle_alpha   90.00
_cell.angle_beta   90.00
_cell.angle_gamma   90.00
#
_symmetry.space_group_name_H-M   'P 21 21 21'
#
loop_
_entity.id
_entity.type
_entity.pdbx_description
1 polymer 'Replication protein A 70 kDa DNA-binding subunit'
2 non-polymer '5-(3-chloro-4-fluorophenyl)furan-2-carboxylic acid'
3 water water
#
_entity_poly.entity_id   1
_entity_poly.type   'polypeptide(L)'
_entity_poly.pdbx_seq_one_letter_code
;GSHMVGQLSRGAIAAIMQKGDTNIKPILQVINIRPITTGNSPPRYRLLMSDGLNTLSSFMLATQLNPLVEEEQLSSNCVC
QIHRFIVNTLKDGRRVVILMELEVLKSAEAVGVKIGNPVPYNE
;
_entity_poly.pdbx_strand_id   A
#
# COMPACT_ATOMS: atom_id res chain seq x y z
N GLY A 1 10.60 4.23 18.97
CA GLY A 1 11.16 3.39 17.91
C GLY A 1 12.11 4.14 16.99
N SER A 2 13.35 4.31 17.45
CA SER A 2 14.37 5.07 16.71
C SER A 2 14.59 4.52 15.31
N HIS A 3 15.15 5.34 14.42
CA HIS A 3 15.43 4.94 13.04
C HIS A 3 14.16 4.47 12.32
N MET A 4 13.15 5.34 12.28
CA MET A 4 11.83 4.96 11.78
CA MET A 4 11.84 4.92 11.77
C MET A 4 11.85 4.38 10.35
N VAL A 5 12.71 4.91 9.49
CA VAL A 5 12.73 4.45 8.10
C VAL A 5 13.16 2.97 8.03
N GLY A 6 13.82 2.51 9.09
CA GLY A 6 14.25 1.10 9.18
C GLY A 6 13.07 0.15 9.37
N GLN A 7 11.89 0.71 9.64
CA GLN A 7 10.69 -0.11 9.79
C GLN A 7 10.13 -0.54 8.44
N LEU A 8 10.54 0.12 7.37
CA LEU A 8 9.94 -0.11 6.04
C LEU A 8 10.88 -0.83 5.08
N SER A 9 10.31 -1.55 4.12
CA SER A 9 11.09 -2.36 3.17
C SER A 9 11.66 -1.47 2.05
N ARG A 10 12.66 -0.67 2.39
CA ARG A 10 13.25 0.25 1.43
C ARG A 10 13.70 -0.51 0.20
N GLY A 11 13.26 -0.03 -0.97
CA GLY A 11 13.59 -0.66 -2.23
C GLY A 11 12.53 -1.61 -2.77
N ALA A 12 11.54 -1.94 -1.96
CA ALA A 12 10.49 -2.87 -2.38
C ALA A 12 9.67 -2.33 -3.54
N ILE A 13 9.41 -1.04 -3.55
CA ILE A 13 8.62 -0.48 -4.66
C ILE A 13 9.35 -0.67 -5.99
N ALA A 14 10.64 -0.32 -6.03
CA ALA A 14 11.44 -0.56 -7.21
C ALA A 14 11.47 -2.04 -7.57
N ALA A 15 11.49 -2.90 -6.56
CA ALA A 15 11.63 -4.34 -6.82
C ALA A 15 10.36 -4.85 -7.48
N ILE A 16 9.23 -4.33 -7.02
CA ILE A 16 7.92 -4.73 -7.50
C ILE A 16 7.74 -4.24 -8.93
N MET A 17 8.17 -3.01 -9.20
N MET A 17 8.20 -3.02 -9.19
CA MET A 17 7.94 -2.43 -10.53
CA MET A 17 7.99 -2.37 -10.49
C MET A 17 8.99 -2.74 -11.61
C MET A 17 8.98 -2.78 -11.59
N GLN A 18 10.23 -3.06 -11.20
CA GLN A 18 11.30 -3.35 -12.16
C GLN A 18 11.60 -4.84 -12.30
N LYS A 19 11.35 -5.61 -11.24
CA LYS A 19 11.63 -7.04 -11.28
C LYS A 19 10.36 -7.86 -11.37
N GLY A 20 9.26 -7.30 -10.87
CA GLY A 20 8.06 -8.09 -10.71
C GLY A 20 8.33 -9.11 -9.63
N ASP A 21 9.15 -8.69 -8.66
CA ASP A 21 9.47 -9.48 -7.48
C ASP A 21 8.15 -9.73 -6.75
N THR A 22 7.72 -10.99 -6.63
CA THR A 22 6.45 -11.30 -5.98
C THR A 22 6.58 -12.18 -4.74
N ASN A 23 7.75 -12.82 -4.63
N ASN A 23 7.73 -12.84 -4.56
CA ASN A 23 8.12 -13.62 -3.46
CA ASN A 23 7.93 -13.65 -3.37
C ASN A 23 8.82 -12.76 -2.40
C ASN A 23 8.02 -12.80 -2.09
N ILE A 24 8.33 -11.54 -2.26
CA ILE A 24 8.65 -10.67 -1.14
C ILE A 24 7.37 -10.41 -0.33
N LYS A 25 7.53 -10.10 0.95
CA LYS A 25 6.40 -9.69 1.79
C LYS A 25 6.72 -8.32 2.41
N PRO A 26 6.74 -7.29 1.57
CA PRO A 26 7.30 -5.99 1.97
C PRO A 26 6.45 -5.27 2.99
N ILE A 27 7.13 -4.51 3.83
CA ILE A 27 6.44 -3.69 4.82
C ILE A 27 6.43 -2.26 4.31
N LEU A 28 5.22 -1.71 4.17
CA LEU A 28 5.00 -0.42 3.53
C LEU A 28 4.17 0.47 4.45
N GLN A 29 4.29 1.77 4.25
CA GLN A 29 3.39 2.68 4.94
C GLN A 29 2.30 3.22 4.03
N VAL A 30 1.08 3.28 4.54
CA VAL A 30 -0.01 3.92 3.81
C VAL A 30 0.16 5.42 3.99
N ILE A 31 0.27 6.14 2.87
CA ILE A 31 0.31 7.60 2.88
C ILE A 31 -1.09 8.17 2.68
N ASN A 32 -1.82 7.63 1.71
CA ASN A 32 -3.19 8.10 1.51
C ASN A 32 -4.04 6.98 0.93
N ILE A 33 -5.33 7.08 1.14
CA ILE A 33 -6.31 6.15 0.57
CA ILE A 33 -6.28 6.17 0.53
C ILE A 33 -7.48 6.94 0.01
N ARG A 34 -7.93 6.60 -1.19
CA ARG A 34 -9.13 7.25 -1.71
C ARG A 34 -9.95 6.28 -2.55
N PRO A 35 -11.27 6.42 -2.50
CA PRO A 35 -12.09 5.60 -3.39
C PRO A 35 -11.93 5.99 -4.85
N ILE A 36 -12.11 5.00 -5.73
CA ILE A 36 -12.10 5.19 -7.17
C ILE A 36 -13.54 5.24 -7.62
N THR A 37 -13.81 6.04 -8.65
CA THR A 37 -15.13 6.05 -9.25
C THR A 37 -15.46 4.67 -9.84
N THR A 38 -16.41 3.98 -9.22
CA THR A 38 -16.99 2.77 -9.80
C THR A 38 -18.50 2.94 -9.91
N GLY A 39 -19.08 2.35 -10.95
CA GLY A 39 -20.51 2.52 -11.22
C GLY A 39 -21.41 1.95 -10.14
N ASN A 40 -21.67 0.64 -10.22
CA ASN A 40 -22.56 -0.02 -9.26
C ASN A 40 -21.82 -0.92 -8.29
N SER A 41 -20.68 -1.45 -8.75
CA SER A 41 -19.88 -2.46 -8.04
C SER A 41 -19.52 -2.00 -6.62
N PRO A 42 -19.01 -2.93 -5.78
CA PRO A 42 -18.43 -2.43 -4.54
C PRO A 42 -17.42 -1.33 -4.80
N PRO A 43 -17.26 -0.45 -3.81
CA PRO A 43 -16.22 0.57 -3.97
C PRO A 43 -14.87 -0.10 -4.15
N ARG A 44 -13.96 0.60 -4.79
CA ARG A 44 -12.58 0.16 -4.91
C ARG A 44 -11.69 1.24 -4.32
N TYR A 45 -10.69 0.85 -3.53
CA TYR A 45 -9.80 1.82 -2.93
C TYR A 45 -8.40 1.85 -3.56
N ARG A 46 -7.95 3.05 -3.94
CA ARG A 46 -6.59 3.29 -4.42
C ARG A 46 -5.71 3.76 -3.24
N LEU A 47 -4.49 3.26 -3.17
CA LEU A 47 -3.59 3.65 -2.08
C LEU A 47 -2.30 4.25 -2.60
N LEU A 48 -1.90 5.33 -1.94
CA LEU A 48 -0.55 5.88 -2.12
C LEU A 48 0.25 5.27 -0.98
N MET A 49 1.25 4.46 -1.32
CA MET A 49 2.06 3.69 -0.37
CA MET A 49 2.04 3.79 -0.30
C MET A 49 3.51 4.13 -0.44
N SER A 50 4.24 3.91 0.65
CA SER A 50 5.64 4.28 0.73
C SER A 50 6.48 3.13 1.24
N ASP A 51 7.69 2.98 0.68
CA ASP A 51 8.64 2.02 1.24
C ASP A 51 9.77 2.71 1.99
N GLY A 52 9.60 4.00 2.27
CA GLY A 52 10.68 4.78 2.89
C GLY A 52 11.54 5.52 1.86
N LEU A 53 11.67 4.95 0.68
CA LEU A 53 12.50 5.55 -0.37
C LEU A 53 11.60 6.21 -1.40
N ASN A 54 10.59 5.45 -1.82
CA ASN A 54 9.69 5.89 -2.87
C ASN A 54 8.27 5.85 -2.38
N THR A 55 7.42 6.60 -3.05
CA THR A 55 5.98 6.42 -2.91
C THR A 55 5.52 5.91 -4.27
N LEU A 56 4.36 5.26 -4.28
CA LEU A 56 3.77 4.75 -5.52
C LEU A 56 2.25 4.83 -5.30
N SER A 57 1.51 5.37 -6.26
CA SER A 57 0.06 5.50 -6.11
C SER A 57 -0.73 4.49 -6.93
N SER A 58 -0.06 3.49 -7.49
CA SER A 58 -0.70 2.51 -8.35
CA SER A 58 -0.78 2.54 -8.33
C SER A 58 -1.23 1.28 -7.58
N PHE A 59 -1.32 1.37 -6.26
CA PHE A 59 -1.84 0.24 -5.49
C PHE A 59 -3.36 0.30 -5.43
N MET A 60 -4.01 -0.86 -5.56
CA MET A 60 -5.46 -0.98 -5.35
C MET A 60 -5.71 -2.10 -4.36
N LEU A 61 -6.66 -1.92 -3.45
CA LEU A 61 -7.05 -3.00 -2.57
C LEU A 61 -7.99 -3.97 -3.28
N ALA A 62 -7.74 -5.26 -3.12
CA ALA A 62 -8.71 -6.26 -3.47
C ALA A 62 -10.01 -5.95 -2.72
N THR A 63 -11.16 -6.15 -3.37
CA THR A 63 -12.43 -5.80 -2.75
C THR A 63 -12.66 -6.56 -1.44
N GLN A 64 -12.10 -7.77 -1.34
CA GLN A 64 -12.25 -8.54 -0.10
C GLN A 64 -11.62 -7.84 1.12
N LEU A 65 -10.70 -6.89 0.87
CA LEU A 65 -10.04 -6.17 1.96
C LEU A 65 -10.76 -4.86 2.29
N ASN A 66 -11.84 -4.56 1.57
CA ASN A 66 -12.59 -3.32 1.86
C ASN A 66 -12.92 -3.08 3.35
N PRO A 67 -13.28 -4.15 4.10
CA PRO A 67 -13.63 -3.89 5.50
C PRO A 67 -12.49 -3.30 6.32
N LEU A 68 -11.23 -3.55 5.94
CA LEU A 68 -10.11 -2.93 6.65
C LEU A 68 -10.20 -1.42 6.61
N VAL A 69 -10.60 -0.87 5.47
CA VAL A 69 -10.74 0.58 5.33
C VAL A 69 -12.03 1.10 5.96
N GLU A 70 -13.12 0.38 5.74
N GLU A 70 -13.12 0.37 5.76
CA GLU A 70 -14.44 0.85 6.15
CA GLU A 70 -14.42 0.85 6.19
C GLU A 70 -14.72 0.64 7.63
C GLU A 70 -14.60 0.72 7.70
N GLU A 71 -14.15 -0.42 8.20
N GLU A 71 -13.72 -0.04 8.35
CA GLU A 71 -14.47 -0.80 9.58
CA GLU A 71 -13.71 -0.12 9.81
C GLU A 71 -13.32 -0.76 10.57
C GLU A 71 -12.49 0.61 10.38
N GLU A 72 -12.11 -1.05 10.09
N GLU A 72 -11.88 1.43 9.53
CA GLU A 72 -10.98 -1.21 11.00
CA GLU A 72 -10.79 2.34 9.92
C GLU A 72 -9.88 -0.16 10.81
C GLU A 72 -9.54 1.67 10.49
N GLN A 73 -8.65 -0.58 11.10
N GLN A 73 -9.37 0.38 10.24
CA GLN A 73 -7.47 0.30 10.99
CA GLN A 73 -8.18 -0.32 10.69
C GLN A 73 -7.32 1.06 9.67
C GLN A 73 -7.05 0.09 9.76
N LEU A 74 -6.94 0.31 8.62
N LEU A 74 -7.44 0.56 8.58
CA LEU A 74 -6.37 0.85 7.37
CA LEU A 74 -6.49 0.89 7.53
C LEU A 74 -6.65 2.31 7.03
C LEU A 74 -6.68 2.33 7.08
N SER A 75 -5.69 3.17 7.39
CA SER A 75 -5.80 4.61 7.14
C SER A 75 -4.41 5.20 7.01
N SER A 76 -4.37 6.47 6.63
CA SER A 76 -3.10 7.18 6.43
CA SER A 76 -3.11 7.20 6.44
C SER A 76 -2.22 7.05 7.67
N ASN A 77 -0.95 6.69 7.40
CA ASN A 77 0.16 6.53 8.37
C ASN A 77 0.35 5.12 8.90
N CYS A 78 -0.65 4.26 8.76
CA CYS A 78 -0.43 2.92 9.29
CA CYS A 78 -0.53 2.85 9.17
C CYS A 78 0.66 2.19 8.53
N VAL A 79 1.26 1.22 9.20
CA VAL A 79 2.36 0.45 8.61
C VAL A 79 1.86 -0.98 8.47
N CYS A 80 1.98 -1.52 7.25
CA CYS A 80 1.44 -2.84 7.01
CA CYS A 80 1.38 -2.82 6.89
C CYS A 80 2.39 -3.74 6.24
N GLN A 81 2.19 -5.03 6.44
CA GLN A 81 3.00 -5.97 5.71
C GLN A 81 2.14 -6.58 4.61
N ILE A 82 2.65 -6.60 3.38
CA ILE A 82 1.88 -7.15 2.27
C ILE A 82 2.20 -8.62 2.16
N HIS A 83 1.19 -9.46 2.34
CA HIS A 83 1.41 -10.91 2.34
C HIS A 83 1.12 -11.56 1.01
N ARG A 84 0.27 -10.92 0.22
CA ARG A 84 -0.01 -11.41 -1.14
C ARG A 84 -0.41 -10.25 -2.02
N PHE A 85 0.22 -10.15 -3.19
CA PHE A 85 -0.18 -9.14 -4.15
C PHE A 85 0.01 -9.67 -5.56
N ILE A 86 -0.66 -9.05 -6.51
CA ILE A 86 -0.36 -9.36 -7.92
C ILE A 86 -0.22 -8.07 -8.66
N VAL A 87 0.57 -8.08 -9.73
CA VAL A 87 0.69 -6.91 -10.57
C VAL A 87 -0.11 -7.17 -11.85
N ASN A 88 -0.89 -6.17 -12.24
CA ASN A 88 -1.64 -6.26 -13.48
C ASN A 88 -1.29 -5.11 -14.40
N THR A 89 -1.17 -5.38 -15.69
CA THR A 89 -0.77 -4.35 -16.62
C THR A 89 -1.97 -4.01 -17.50
N LEU A 90 -2.29 -2.72 -17.56
CA LEU A 90 -3.40 -2.23 -18.36
C LEU A 90 -3.01 -2.18 -19.84
N LYS A 91 -4.02 -2.06 -20.72
CA LYS A 91 -3.75 -2.05 -22.14
C LYS A 91 -2.84 -0.88 -22.51
N ASP A 92 -2.90 0.21 -21.73
CA ASP A 92 -2.08 1.37 -22.04
C ASP A 92 -0.65 1.31 -21.48
N GLY A 93 -0.33 0.21 -20.79
CA GLY A 93 1.02 -0.01 -20.30
C GLY A 93 1.23 0.31 -18.84
N ARG A 94 0.29 1.03 -18.24
CA ARG A 94 0.39 1.30 -16.80
C ARG A 94 0.22 0.03 -15.98
N ARG A 95 0.93 -0.04 -14.86
CA ARG A 95 0.82 -1.19 -13.99
C ARG A 95 0.12 -0.82 -12.70
N VAL A 96 -0.74 -1.73 -12.24
CA VAL A 96 -1.43 -1.56 -10.97
CA VAL A 96 -1.48 -1.58 -11.00
C VAL A 96 -1.08 -2.72 -10.06
N VAL A 97 -0.91 -2.42 -8.77
CA VAL A 97 -0.49 -3.48 -7.84
C VAL A 97 -1.69 -3.76 -6.97
N ILE A 98 -2.27 -4.94 -7.12
N ILE A 98 -2.24 -4.96 -7.10
CA ILE A 98 -3.45 -5.31 -6.36
CA ILE A 98 -3.43 -5.29 -6.32
C ILE A 98 -3.03 -6.01 -5.07
C ILE A 98 -3.06 -6.04 -5.06
N LEU A 99 -3.43 -5.44 -3.93
CA LEU A 99 -3.11 -5.97 -2.61
C LEU A 99 -4.19 -6.98 -2.20
N MET A 100 -3.80 -8.24 -2.07
CA MET A 100 -4.75 -9.33 -1.83
CA MET A 100 -4.78 -9.31 -1.82
C MET A 100 -4.84 -9.72 -0.36
N GLU A 101 -3.70 -9.70 0.32
CA GLU A 101 -3.64 -10.02 1.75
C GLU A 101 -2.68 -9.05 2.38
N LEU A 102 -3.11 -8.39 3.45
CA LEU A 102 -2.19 -7.55 4.18
C LEU A 102 -2.48 -7.57 5.65
N GLU A 103 -1.47 -7.24 6.41
CA GLU A 103 -1.54 -7.22 7.87
CA GLU A 103 -1.57 -7.22 7.86
C GLU A 103 -1.14 -5.85 8.36
N VAL A 104 -1.97 -5.24 9.20
CA VAL A 104 -1.58 -3.95 9.75
C VAL A 104 -0.66 -4.22 10.93
N LEU A 105 0.61 -3.85 10.81
CA LEU A 105 1.60 -4.03 11.87
C LEU A 105 1.52 -2.94 12.91
N LYS A 106 1.24 -1.70 12.47
CA LYS A 106 1.13 -0.58 13.41
C LYS A 106 0.01 0.33 12.97
N SER A 107 -0.91 0.63 13.89
CA SER A 107 -2.03 1.50 13.55
C SER A 107 -1.57 2.91 13.22
N ALA A 108 -2.41 3.65 12.50
CA ALA A 108 -2.08 5.02 12.14
C ALA A 108 -1.75 5.85 13.38
N GLU A 109 -2.50 5.60 14.45
CA GLU A 109 -2.35 6.40 15.66
C GLU A 109 -1.02 6.10 16.36
N ALA A 110 -0.47 4.90 16.13
CA ALA A 110 0.77 4.46 16.77
C ALA A 110 2.03 4.87 15.99
N VAL A 111 1.84 5.37 14.78
CA VAL A 111 2.97 5.80 13.96
C VAL A 111 2.91 7.32 13.85
N GLY A 112 1.82 7.82 13.27
CA GLY A 112 1.46 9.22 13.44
C GLY A 112 2.06 10.22 12.46
N VAL A 113 2.98 9.77 11.61
CA VAL A 113 3.66 10.68 10.69
C VAL A 113 4.11 9.88 9.48
N LYS A 114 4.33 10.58 8.37
CA LYS A 114 4.94 9.94 7.20
C LYS A 114 6.42 9.74 7.49
N ILE A 115 6.83 8.47 7.41
CA ILE A 115 8.18 8.06 7.76
C ILE A 115 9.15 8.45 6.66
N GLY A 116 10.26 9.08 7.04
CA GLY A 116 11.27 9.47 6.07
C GLY A 116 10.78 10.55 5.13
N ASN A 117 11.40 10.61 3.95
CA ASN A 117 11.06 11.58 2.93
C ASN A 117 11.02 10.91 1.56
N PRO A 118 10.08 9.98 1.36
CA PRO A 118 10.02 9.19 0.11
C PRO A 118 9.66 10.10 -1.05
N VAL A 119 10.18 9.80 -2.24
CA VAL A 119 9.85 10.58 -3.44
C VAL A 119 9.08 9.70 -4.43
N PRO A 120 8.28 10.31 -5.31
CA PRO A 120 7.51 9.47 -6.22
C PRO A 120 8.35 8.59 -7.13
N TYR A 121 7.95 7.33 -7.25
CA TYR A 121 8.57 6.42 -8.19
C TYR A 121 8.12 6.80 -9.60
N ASN A 122 9.04 6.79 -10.56
CA ASN A 122 8.70 7.19 -11.92
C ASN A 122 8.48 6.00 -12.85
N GLU A 123 7.23 5.85 -13.30
CA GLU A 123 6.71 4.78 -14.20
C GLU A 123 6.07 3.60 -13.46
#